data_7CTS
#
_entry.id   7CTS
#
_cell.length_a   62.623
_cell.length_b   64.984
_cell.length_c   78.453
_cell.angle_alpha   90.000
_cell.angle_beta   90.000
_cell.angle_gamma   90.000
#
_symmetry.space_group_name_H-M   'P 21 21 21'
#
loop_
_entity.id
_entity.type
_entity.pdbx_description
1 polymer 'Alpha/beta hydrolase family protein'
2 non-polymer '1,4-DIETHYLENE DIOXIDE'
3 non-polymer BICINE
4 non-polymer 'CALCIUM ION'
5 water water
#
_entity_poly.entity_id   1
_entity_poly.type   'polypeptide(L)'
_entity_poly.pdbx_seq_one_letter_code
;GPNPYERGPDPTEDSIEAIRGPFSVATERVSSFASGFGGGTIYYPRETDEGTFGAVAVAPGFTASQGSMSWYGERVASHG
FIVFTIDTNTRLDAPGQRGRQLLAALDYLVERSDRKVRERLDPNRLAVMGHAMGGGGSLEATVMRPSLKASIPLTPWHLD
KTWGQVQVPTFIIGAELDTIAPVSTHAKPFYESLPSSLPKAYMELCGATHFAPNIPNTTIAKYVISWLKRFVDEDTRYSQ
FLCPNPTDRAICEYRSTCPYKLN
;
_entity_poly.pdbx_strand_id   A
#
loop_
_chem_comp.id
_chem_comp.type
_chem_comp.name
_chem_comp.formula
BCN non-polymer BICINE 'C6 H13 N O4'
CA non-polymer 'CALCIUM ION' 'Ca 2'
DIO non-polymer '1,4-DIETHYLENE DIOXIDE' 'C4 H8 O2'
#
# COMPACT_ATOMS: atom_id res chain seq x y z
N PRO A 2 -20.07 4.47 -16.84
CA PRO A 2 -18.68 4.02 -16.69
C PRO A 2 -18.04 4.58 -15.41
N ASN A 3 -17.05 3.86 -14.93
CA ASN A 3 -16.35 4.27 -13.75
C ASN A 3 -15.37 5.38 -14.13
N PRO A 4 -15.53 6.60 -13.62
CA PRO A 4 -14.67 7.71 -14.04
C PRO A 4 -13.26 7.61 -13.52
N TYR A 5 -12.97 6.68 -12.61
CA TYR A 5 -11.62 6.55 -12.05
C TYR A 5 -10.76 5.52 -12.79
N GLU A 6 -11.29 4.83 -13.82
CA GLU A 6 -10.46 3.91 -14.57
C GLU A 6 -9.35 4.67 -15.27
N ARG A 7 -8.13 4.15 -15.15
CA ARG A 7 -6.97 4.68 -15.84
C ARG A 7 -6.24 3.53 -16.52
N GLY A 8 -5.63 3.81 -17.69
CA GLY A 8 -4.82 2.83 -18.37
C GLY A 8 -5.63 1.80 -19.13
N PRO A 9 -4.94 1.01 -19.95
CA PRO A 9 -5.59 -0.01 -20.77
C PRO A 9 -6.15 -1.13 -19.93
N ASP A 10 -7.07 -1.89 -20.52
CA ASP A 10 -7.58 -3.05 -19.82
C ASP A 10 -6.41 -3.99 -19.47
N PRO A 11 -6.35 -4.49 -18.25
CA PRO A 11 -5.13 -5.18 -17.81
C PRO A 11 -5.09 -6.64 -18.24
N THR A 12 -3.89 -7.16 -18.27
CA THR A 12 -3.63 -8.58 -18.44
C THR A 12 -2.66 -9.01 -17.35
N GLU A 13 -2.49 -10.32 -17.18
CA GLU A 13 -1.52 -10.76 -16.19
C GLU A 13 -0.13 -10.28 -16.55
N ASP A 14 0.20 -10.29 -17.85
CA ASP A 14 1.49 -9.75 -18.25
C ASP A 14 1.59 -8.27 -17.90
N SER A 15 0.52 -7.50 -18.13
CA SER A 15 0.69 -6.06 -17.95
C SER A 15 0.82 -5.70 -16.48
N ILE A 16 0.20 -6.45 -15.57
CA ILE A 16 0.35 -6.15 -14.14
C ILE A 16 1.69 -6.61 -13.59
N GLU A 17 2.37 -7.51 -14.31
CA GLU A 17 3.71 -7.94 -13.93
C GLU A 17 4.79 -7.05 -14.51
N ALA A 18 4.46 -6.14 -15.43
CA ALA A 18 5.48 -5.34 -16.12
C ALA A 18 6.15 -4.39 -15.16
N ILE A 19 7.47 -4.24 -15.31
CA ILE A 19 8.22 -3.36 -14.43
C ILE A 19 7.80 -1.91 -14.62
N ARG A 20 7.61 -1.50 -15.86
CA ARG A 20 7.18 -0.13 -16.18
C ARG A 20 5.74 -0.20 -16.65
N GLY A 21 4.81 0.34 -15.86
CA GLY A 21 3.43 0.44 -16.26
C GLY A 21 3.26 1.46 -17.37
N PRO A 22 2.00 1.75 -17.70
CA PRO A 22 1.74 2.58 -18.88
C PRO A 22 2.01 4.06 -18.72
N PHE A 23 2.21 4.58 -17.50
CA PHE A 23 2.47 5.99 -17.27
C PHE A 23 3.95 6.25 -17.05
N SER A 24 4.43 7.38 -17.55
CA SER A 24 5.75 7.82 -17.14
C SER A 24 5.65 8.50 -15.79
N VAL A 25 6.78 8.56 -15.09
CA VAL A 25 6.78 8.96 -13.69
C VAL A 25 7.77 10.09 -13.46
N ALA A 26 7.36 11.08 -12.67
CA ALA A 26 8.23 12.14 -12.19
C ALA A 26 8.23 12.13 -10.67
N THR A 27 9.18 12.88 -10.07
CA THR A 27 9.32 12.87 -8.62
C THR A 27 9.39 14.29 -8.10
N GLU A 28 8.91 14.46 -6.87
CA GLU A 28 9.05 15.69 -6.09
C GLU A 28 9.56 15.33 -4.70
N ARG A 29 10.63 15.97 -4.28
CA ARG A 29 11.19 15.73 -2.96
C ARG A 29 10.50 16.63 -1.95
N VAL A 30 10.25 16.10 -0.76
CA VAL A 30 9.63 16.83 0.32
C VAL A 30 10.59 16.86 1.50
N SER A 31 10.90 18.05 1.95
CA SER A 31 11.81 18.29 3.06
C SER A 31 11.33 17.63 4.34
N SER A 32 12.29 17.24 5.18
CA SER A 32 11.97 16.72 6.51
C SER A 32 11.31 17.76 7.40
N PHE A 33 11.32 19.04 7.01
CA PHE A 33 10.65 20.03 7.85
C PHE A 33 9.15 20.05 7.64
N ALA A 34 8.61 19.22 6.75
CA ALA A 34 7.16 19.09 6.63
C ALA A 34 6.57 18.66 7.97
N SER A 35 5.36 19.12 8.23
CA SER A 35 4.71 18.90 9.52
C SER A 35 4.30 17.43 9.68
N GLY A 36 4.68 16.82 10.80
CA GLY A 36 4.09 15.57 11.23
C GLY A 36 4.73 14.31 10.65
N PHE A 37 5.78 14.42 9.85
CA PHE A 37 6.50 13.25 9.36
C PHE A 37 7.88 13.72 8.90
N GLY A 38 8.72 12.79 8.45
CA GLY A 38 10.11 13.09 8.17
C GLY A 38 10.46 13.47 6.75
N GLY A 39 9.48 13.94 5.95
CA GLY A 39 9.71 14.19 4.54
C GLY A 39 9.60 12.93 3.71
N GLY A 40 9.95 13.03 2.43
CA GLY A 40 9.93 11.85 1.59
C GLY A 40 10.01 12.22 0.12
N THR A 41 9.62 11.26 -0.73
CA THR A 41 9.66 11.44 -2.17
C THR A 41 8.28 11.11 -2.72
N ILE A 42 7.73 12.04 -3.50
CA ILE A 42 6.45 11.82 -4.18
C ILE A 42 6.74 11.40 -5.62
N TYR A 43 6.24 10.23 -5.99
CA TYR A 43 6.31 9.73 -7.36
C TYR A 43 4.93 9.90 -7.98
N TYR A 44 4.85 10.47 -9.18
CA TYR A 44 3.53 10.70 -9.75
C TYR A 44 3.51 10.46 -11.25
N PRO A 45 2.36 10.08 -11.81
CA PRO A 45 2.26 9.92 -13.27
C PRO A 45 2.36 11.27 -13.94
N ARG A 46 3.13 11.32 -15.03
CA ARG A 46 3.27 12.60 -15.70
C ARG A 46 2.04 12.92 -16.55
N GLU A 47 1.43 11.91 -17.18
CA GLU A 47 0.33 12.17 -18.11
C GLU A 47 -0.94 12.51 -17.33
N THR A 48 -1.61 13.59 -17.76
CA THR A 48 -2.74 14.17 -17.04
C THR A 48 -4.07 14.00 -17.76
N ASP A 49 -4.07 13.60 -19.05
CA ASP A 49 -5.32 13.71 -19.81
C ASP A 49 -6.35 12.64 -19.44
N GLU A 50 -5.94 11.58 -18.78
CA GLU A 50 -6.90 10.57 -18.33
C GLU A 50 -7.62 10.98 -17.05
N GLY A 51 -7.18 12.04 -16.38
CA GLY A 51 -7.78 12.46 -15.13
C GLY A 51 -6.80 12.40 -13.97
N THR A 52 -7.29 12.78 -12.81
CA THR A 52 -6.51 12.75 -11.57
C THR A 52 -6.41 11.33 -11.02
N PHE A 53 -5.53 11.17 -10.04
CA PHE A 53 -5.18 9.87 -9.50
C PHE A 53 -5.34 9.84 -7.99
N GLY A 54 -5.60 8.64 -7.48
CA GLY A 54 -5.50 8.41 -6.06
C GLY A 54 -4.05 8.33 -5.62
N ALA A 55 -3.85 8.31 -4.30
CA ALA A 55 -2.51 8.35 -3.72
C ALA A 55 -2.36 7.33 -2.63
N VAL A 56 -1.14 6.80 -2.50
CA VAL A 56 -0.79 5.90 -1.40
C VAL A 56 0.45 6.41 -0.70
N ALA A 57 0.37 6.53 0.63
CA ALA A 57 1.53 6.89 1.44
C ALA A 57 2.16 5.60 1.94
N VAL A 58 3.48 5.56 1.94
CA VAL A 58 4.20 4.30 2.13
C VAL A 58 5.26 4.47 3.21
N ALA A 59 5.12 3.71 4.30
CA ALA A 59 6.03 3.84 5.45
C ALA A 59 7.03 2.69 5.53
N PRO A 60 8.24 2.98 6.00
CA PRO A 60 9.23 1.94 6.27
C PRO A 60 9.08 1.39 7.68
N GLY A 61 9.93 0.43 8.03
CA GLY A 61 9.93 -0.19 9.33
C GLY A 61 10.94 0.41 10.31
N PHE A 62 10.96 -0.18 11.50
CA PHE A 62 11.85 0.24 12.58
C PHE A 62 13.30 0.24 12.09
N THR A 63 14.00 1.35 12.36
CA THR A 63 15.39 1.58 11.97
CA THR A 63 15.39 1.53 11.98
C THR A 63 15.61 1.54 10.46
N ALA A 64 14.56 1.75 9.68
CA ALA A 64 14.70 1.84 8.24
C ALA A 64 14.25 3.21 7.74
N SER A 65 14.62 3.50 6.49
CA SER A 65 14.27 4.78 5.90
C SER A 65 13.57 4.55 4.57
N GLN A 66 13.23 5.66 3.91
CA GLN A 66 12.46 5.55 2.67
C GLN A 66 13.20 4.74 1.61
N GLY A 67 14.54 4.68 1.65
CA GLY A 67 15.23 3.92 0.64
C GLY A 67 14.83 2.46 0.63
N SER A 68 14.41 1.93 1.78
CA SER A 68 13.95 0.56 1.84
C SER A 68 12.65 0.32 1.08
N MET A 69 11.90 1.39 0.80
CA MET A 69 10.63 1.34 0.09
C MET A 69 10.68 2.00 -1.26
N SER A 70 11.87 2.43 -1.72
CA SER A 70 11.94 3.30 -2.89
C SER A 70 11.43 2.62 -4.15
N TRP A 71 11.58 1.29 -4.26
CA TRP A 71 11.23 0.65 -5.52
C TRP A 71 9.74 0.71 -5.80
N TYR A 72 8.91 0.86 -4.74
CA TYR A 72 7.47 1.01 -4.98
C TYR A 72 7.15 2.29 -5.73
N GLY A 73 7.98 3.31 -5.63
CA GLY A 73 7.66 4.61 -6.19
C GLY A 73 7.41 4.57 -7.69
N GLU A 74 8.44 4.24 -8.46
CA GLU A 74 8.23 4.15 -9.90
C GLU A 74 7.33 2.98 -10.27
N ARG A 75 7.49 1.84 -9.59
CA ARG A 75 6.76 0.64 -9.98
C ARG A 75 5.27 0.88 -9.90
N VAL A 76 4.81 1.38 -8.75
CA VAL A 76 3.37 1.58 -8.56
C VAL A 76 2.89 2.84 -9.23
N ALA A 77 3.66 3.93 -9.18
CA ALA A 77 3.18 5.17 -9.81
C ALA A 77 2.97 4.98 -11.30
N SER A 78 3.81 4.17 -11.95
CA SER A 78 3.70 3.96 -13.38
C SER A 78 2.44 3.24 -13.79
N HIS A 79 1.69 2.66 -12.84
CA HIS A 79 0.38 2.11 -13.12
C HIS A 79 -0.75 3.06 -12.83
N GLY A 80 -0.43 4.27 -12.39
CA GLY A 80 -1.44 5.32 -12.27
C GLY A 80 -1.79 5.65 -10.83
N PHE A 81 -0.78 5.95 -10.01
CA PHE A 81 -1.01 6.34 -8.62
C PHE A 81 0.04 7.36 -8.25
N ILE A 82 -0.31 8.25 -7.32
CA ILE A 82 0.68 9.07 -6.63
C ILE A 82 1.17 8.24 -5.46
N VAL A 83 2.49 8.06 -5.37
CA VAL A 83 3.10 7.19 -4.36
C VAL A 83 4.06 8.05 -3.53
N PHE A 84 3.86 8.12 -2.22
CA PHE A 84 4.66 9.00 -1.38
C PHE A 84 5.44 8.09 -0.42
N THR A 85 6.72 7.88 -0.70
CA THR A 85 7.57 7.10 0.21
C THR A 85 8.11 8.04 1.27
N ILE A 86 7.73 7.82 2.52
CA ILE A 86 8.10 8.77 3.58
C ILE A 86 9.26 8.28 4.41
N ASP A 87 9.93 9.23 5.03
CA ASP A 87 10.73 8.99 6.22
C ASP A 87 9.92 9.33 7.46
N THR A 88 10.23 8.64 8.55
CA THR A 88 9.55 8.91 9.80
C THR A 88 10.25 10.01 10.61
N ASN A 89 9.55 10.48 11.64
CA ASN A 89 10.12 11.51 12.51
C ASN A 89 11.45 11.06 13.10
N THR A 90 11.49 9.84 13.66
CA THR A 90 12.76 9.22 14.06
C THR A 90 12.75 7.78 13.55
N ARG A 91 13.95 7.22 13.43
CA ARG A 91 14.10 5.82 13.02
C ARG A 91 13.51 4.83 14.02
N LEU A 92 13.25 5.27 15.24
CA LEU A 92 12.81 4.39 16.30
C LEU A 92 11.31 4.43 16.53
N ASP A 93 10.56 5.14 15.69
CA ASP A 93 9.15 5.34 15.95
C ASP A 93 8.40 4.03 15.96
N ALA A 94 7.33 4.00 16.76
CA ALA A 94 6.50 2.82 16.96
C ALA A 94 5.35 2.79 15.94
N PRO A 95 4.58 1.68 15.90
CA PRO A 95 3.50 1.58 14.88
C PRO A 95 2.46 2.69 14.96
N GLY A 96 2.01 3.09 16.16
CA GLY A 96 1.03 4.16 16.24
C GLY A 96 1.53 5.47 15.67
N GLN A 97 2.76 5.83 16.06
CA GLN A 97 3.39 7.01 15.50
C GLN A 97 3.48 6.92 13.98
N ARG A 98 3.86 5.74 13.46
CA ARG A 98 3.94 5.58 12.02
C ARG A 98 2.59 5.75 11.35
N GLY A 99 1.51 5.29 11.99
CA GLY A 99 0.17 5.52 11.44
C GLY A 99 -0.17 7.00 11.38
N ARG A 100 0.11 7.72 12.48
CA ARG A 100 -0.11 9.17 12.48
C ARG A 100 0.68 9.87 11.38
N GLN A 101 1.92 9.43 11.15
CA GLN A 101 2.76 10.06 10.14
C GLN A 101 2.30 9.73 8.72
N LEU A 102 1.78 8.52 8.48
CA LEU A 102 1.16 8.22 7.20
C LEU A 102 0.05 9.20 6.91
N LEU A 103 -0.77 9.50 7.93
CA LEU A 103 -1.86 10.45 7.73
C LEU A 103 -1.34 11.84 7.51
N ALA A 104 -0.30 12.24 8.25
CA ALA A 104 0.29 13.57 8.02
C ALA A 104 0.83 13.69 6.60
N ALA A 105 1.42 12.61 6.08
CA ALA A 105 1.93 12.63 4.71
C ALA A 105 0.79 12.76 3.71
N LEU A 106 -0.32 12.05 3.94
CA LEU A 106 -1.48 12.21 3.05
C LEU A 106 -2.03 13.63 3.11
N ASP A 107 -2.12 14.19 4.32
CA ASP A 107 -2.61 15.55 4.44
C ASP A 107 -1.67 16.55 3.77
N TYR A 108 -0.37 16.29 3.81
CA TYR A 108 0.57 17.12 3.08
C TYR A 108 0.27 17.08 1.58
N LEU A 109 0.01 15.88 1.05
CA LEU A 109 -0.32 15.79 -0.37
C LEU A 109 -1.53 16.65 -0.69
N VAL A 110 -2.58 16.56 0.14
CA VAL A 110 -3.83 17.26 -0.14
C VAL A 110 -3.67 18.76 0.03
N GLU A 111 -2.94 19.19 1.05
CA GLU A 111 -3.00 20.57 1.52
C GLU A 111 -1.80 21.42 1.16
N ARG A 112 -0.62 20.83 0.99
CA ARG A 112 0.62 21.58 0.93
C ARG A 112 1.54 21.21 -0.22
N SER A 113 1.25 20.16 -0.98
CA SER A 113 2.20 19.71 -1.98
C SER A 113 2.32 20.69 -3.13
N ASP A 114 3.44 20.60 -3.82
CA ASP A 114 3.66 21.39 -5.02
C ASP A 114 2.50 21.23 -5.99
N ARG A 115 2.22 22.30 -6.74
CA ARG A 115 1.10 22.27 -7.70
C ARG A 115 1.17 21.11 -8.68
N LYS A 116 2.37 20.68 -9.08
CA LYS A 116 2.46 19.57 -10.03
C LYS A 116 1.86 18.30 -9.47
N VAL A 117 2.00 18.09 -8.16
CA VAL A 117 1.35 16.98 -7.49
C VAL A 117 -0.12 17.27 -7.24
N ARG A 118 -0.41 18.45 -6.66
CA ARG A 118 -1.77 18.75 -6.26
C ARG A 118 -2.73 18.68 -7.44
N GLU A 119 -2.30 19.16 -8.61
CA GLU A 119 -3.19 19.16 -9.77
C GLU A 119 -3.48 17.77 -10.30
N ARG A 120 -2.68 16.78 -9.91
CA ARG A 120 -2.84 15.40 -10.36
C ARG A 120 -3.56 14.52 -9.36
N LEU A 121 -3.91 15.07 -8.20
CA LEU A 121 -4.38 14.30 -7.05
C LEU A 121 -5.89 14.39 -6.90
N ASP A 122 -6.54 13.24 -6.70
CA ASP A 122 -7.90 13.21 -6.21
C ASP A 122 -7.85 13.05 -4.69
N PRO A 123 -8.13 14.11 -3.92
CA PRO A 123 -7.95 14.03 -2.47
C PRO A 123 -8.92 13.09 -1.79
N ASN A 124 -9.94 12.63 -2.50
CA ASN A 124 -10.93 11.72 -1.93
C ASN A 124 -10.52 10.26 -1.98
N ARG A 125 -9.41 9.92 -2.65
CA ARG A 125 -9.08 8.51 -2.92
C ARG A 125 -7.66 8.27 -2.44
N LEU A 126 -7.53 7.88 -1.17
CA LEU A 126 -6.23 7.80 -0.49
C LEU A 126 -6.06 6.43 0.13
N ALA A 127 -4.80 6.00 0.24
CA ALA A 127 -4.48 4.69 0.74
C ALA A 127 -3.19 4.74 1.54
N VAL A 128 -2.95 3.67 2.28
CA VAL A 128 -1.72 3.52 3.07
C VAL A 128 -1.10 2.16 2.81
N MET A 129 0.22 2.10 2.98
CA MET A 129 0.97 0.86 2.83
C MET A 129 2.23 1.00 3.68
N GLY A 130 2.74 -0.10 4.22
CA GLY A 130 4.00 0.05 4.94
C GLY A 130 4.59 -1.29 5.27
N HIS A 131 5.88 -1.25 5.56
CA HIS A 131 6.64 -2.47 5.83
C HIS A 131 6.93 -2.61 7.33
N ALA A 132 6.63 -3.78 7.89
CA ALA A 132 7.06 -4.19 9.23
C ALA A 132 6.38 -3.27 10.25
N MET A 133 7.10 -2.53 11.11
CA MET A 133 6.37 -1.58 11.97
C MET A 133 5.57 -0.59 11.14
N GLY A 134 6.03 -0.27 9.91
CA GLY A 134 5.24 0.58 9.04
C GLY A 134 3.96 -0.08 8.55
N GLY A 135 3.96 -1.42 8.46
CA GLY A 135 2.75 -2.19 8.22
C GLY A 135 1.82 -2.17 9.42
N GLY A 136 2.37 -2.26 10.63
CA GLY A 136 1.57 -1.92 11.80
C GLY A 136 1.01 -0.51 11.73
N GLY A 137 1.81 0.42 11.21
CA GLY A 137 1.33 1.78 10.98
C GLY A 137 0.18 1.85 9.98
N SER A 138 0.22 1.01 8.93
CA SER A 138 -0.88 0.95 7.96
C SER A 138 -2.19 0.55 8.65
N LEU A 139 -2.13 -0.49 9.48
CA LEU A 139 -3.29 -0.90 10.29
C LEU A 139 -3.78 0.26 11.14
N GLU A 140 -2.86 0.86 11.89
CA GLU A 140 -3.20 1.99 12.76
C GLU A 140 -3.89 3.09 12.00
N ALA A 141 -3.36 3.44 10.83
CA ALA A 141 -3.90 4.55 10.06
C ALA A 141 -5.34 4.31 9.67
N THR A 142 -5.72 3.05 9.42
CA THR A 142 -7.11 2.77 9.03
C THR A 142 -8.09 2.89 10.18
N VAL A 143 -7.62 2.77 11.44
CA VAL A 143 -8.47 3.08 12.58
C VAL A 143 -8.54 4.58 12.78
N MET A 144 -7.40 5.26 12.63
CA MET A 144 -7.32 6.70 12.81
C MET A 144 -8.06 7.46 11.72
N ARG A 145 -8.12 6.91 10.52
CA ARG A 145 -8.76 7.58 9.38
C ARG A 145 -9.59 6.56 8.61
N PRO A 146 -10.83 6.31 9.06
CA PRO A 146 -11.61 5.22 8.43
C PRO A 146 -12.12 5.52 7.03
N SER A 147 -11.87 6.71 6.49
CA SER A 147 -12.22 7.06 5.12
C SER A 147 -11.20 6.59 4.10
N LEU A 148 -10.07 6.03 4.52
CA LEU A 148 -9.10 5.53 3.55
C LEU A 148 -9.71 4.45 2.67
N LYS A 149 -9.21 4.36 1.44
CA LYS A 149 -9.77 3.40 0.49
C LYS A 149 -9.10 2.03 0.55
N ALA A 150 -7.84 1.97 1.00
CA ALA A 150 -7.13 0.69 1.01
C ALA A 150 -5.97 0.80 1.97
N SER A 151 -5.53 -0.38 2.44
CA SER A 151 -4.40 -0.51 3.33
C SER A 151 -3.64 -1.77 2.98
N ILE A 152 -2.31 -1.66 2.92
CA ILE A 152 -1.46 -2.80 2.53
C ILE A 152 -0.33 -2.96 3.54
N PRO A 153 -0.56 -3.73 4.61
CA PRO A 153 0.52 -4.04 5.58
C PRO A 153 1.43 -5.13 5.02
N LEU A 154 2.71 -4.79 4.81
CA LEU A 154 3.69 -5.70 4.23
C LEU A 154 4.55 -6.24 5.36
N THR A 155 4.62 -7.57 5.48
CA THR A 155 5.27 -8.25 6.60
C THR A 155 5.07 -7.46 7.89
N PRO A 156 3.83 -7.21 8.28
CA PRO A 156 3.58 -6.22 9.32
C PRO A 156 3.98 -6.70 10.71
N TRP A 157 4.34 -5.74 11.57
CA TRP A 157 4.70 -5.99 12.95
C TRP A 157 3.82 -5.09 13.81
N HIS A 158 3.19 -5.68 14.84
CA HIS A 158 2.40 -4.90 15.78
C HIS A 158 2.14 -5.79 16.98
N LEU A 159 2.24 -5.23 18.18
CA LEU A 159 1.93 -6.02 19.36
C LEU A 159 0.44 -6.24 19.57
N ASP A 160 -0.40 -5.36 19.03
CA ASP A 160 -1.84 -5.51 19.19
CA ASP A 160 -1.84 -5.50 19.19
C ASP A 160 -2.35 -6.39 18.06
N LYS A 161 -3.00 -7.48 18.44
CA LYS A 161 -3.35 -8.50 17.49
C LYS A 161 -4.80 -8.40 17.04
N THR A 162 -5.54 -7.38 17.50
CA THR A 162 -6.98 -7.25 17.27
C THR A 162 -7.29 -6.03 16.41
N TRP A 163 -7.94 -6.26 15.27
CA TRP A 163 -8.24 -5.22 14.26
C TRP A 163 -9.68 -5.39 13.78
N GLY A 164 -10.59 -5.78 14.68
CA GLY A 164 -11.94 -6.16 14.35
C GLY A 164 -12.91 -5.06 14.00
N GLN A 165 -12.52 -3.79 14.05
CA GLN A 165 -13.40 -2.71 13.65
C GLN A 165 -12.95 -1.98 12.39
N VAL A 166 -11.83 -2.40 11.80
CA VAL A 166 -11.33 -1.77 10.57
C VAL A 166 -12.36 -1.93 9.45
N GLN A 167 -12.65 -0.83 8.74
CA GLN A 167 -13.60 -0.89 7.62
C GLN A 167 -12.93 -0.62 6.28
N VAL A 168 -11.61 -0.47 6.26
CA VAL A 168 -10.84 -0.18 5.07
C VAL A 168 -10.31 -1.48 4.48
N PRO A 169 -10.57 -1.75 3.19
CA PRO A 169 -10.06 -2.98 2.58
C PRO A 169 -8.55 -3.16 2.79
N THR A 170 -8.16 -4.31 3.33
CA THR A 170 -6.79 -4.53 3.81
C THR A 170 -6.21 -5.79 3.21
N PHE A 171 -5.01 -5.66 2.62
CA PHE A 171 -4.29 -6.74 1.98
C PHE A 171 -2.97 -6.91 2.70
N ILE A 172 -2.84 -8.01 3.44
CA ILE A 172 -1.63 -8.30 4.22
C ILE A 172 -0.75 -9.26 3.45
N ILE A 173 0.54 -8.94 3.35
CA ILE A 173 1.52 -9.79 2.69
C ILE A 173 2.48 -10.32 3.75
N GLY A 174 2.60 -11.65 3.84
CA GLY A 174 3.50 -12.25 4.80
C GLY A 174 4.65 -12.91 4.08
N ALA A 175 5.75 -13.13 4.81
CA ALA A 175 6.93 -13.79 4.28
C ALA A 175 7.11 -15.10 5.05
N GLU A 176 7.03 -16.24 4.36
CA GLU A 176 6.94 -17.53 5.02
C GLU A 176 7.98 -17.70 6.13
N LEU A 177 9.23 -17.37 5.84
CA LEU A 177 10.34 -17.67 6.72
C LEU A 177 10.74 -16.50 7.62
N ASP A 178 9.94 -15.44 7.65
CA ASP A 178 10.22 -14.24 8.45
C ASP A 178 10.34 -14.60 9.94
N THR A 179 11.46 -14.23 10.55
CA THR A 179 11.65 -14.37 11.99
C THR A 179 11.60 -13.05 12.74
N ILE A 180 11.42 -11.93 12.04
CA ILE A 180 11.33 -10.63 12.68
C ILE A 180 9.88 -10.23 12.92
N ALA A 181 9.01 -10.48 11.94
CA ALA A 181 7.57 -10.33 12.06
C ALA A 181 6.94 -11.65 11.63
N PRO A 182 7.12 -12.71 12.42
CA PRO A 182 6.67 -14.03 11.98
C PRO A 182 5.17 -14.03 11.67
N VAL A 183 4.82 -14.72 10.58
CA VAL A 183 3.43 -14.71 10.16
C VAL A 183 2.52 -15.38 11.18
N SER A 184 3.05 -16.30 11.99
CA SER A 184 2.20 -17.01 12.94
C SER A 184 1.73 -16.09 14.06
N THR A 185 2.48 -15.04 14.37
CA THR A 185 2.16 -14.19 15.50
C THR A 185 1.83 -12.76 15.11
N HIS A 186 2.09 -12.37 13.85
CA HIS A 186 1.77 -11.01 13.39
C HIS A 186 0.79 -11.10 12.23
N ALA A 187 1.27 -11.32 11.00
CA ALA A 187 0.39 -11.22 9.82
C ALA A 187 -0.89 -12.04 9.93
N LYS A 188 -0.78 -13.34 10.26
CA LYS A 188 -2.00 -14.16 10.25
C LYS A 188 -2.98 -13.75 11.35
N PRO A 189 -2.58 -13.54 12.60
CA PRO A 189 -3.53 -13.01 13.59
C PRO A 189 -4.17 -11.70 13.16
N PHE A 190 -3.41 -10.78 12.57
CA PHE A 190 -4.03 -9.54 12.11
C PHE A 190 -5.12 -9.86 11.08
N TYR A 191 -4.78 -10.68 10.07
CA TYR A 191 -5.74 -11.01 9.03
C TYR A 191 -7.00 -11.61 9.61
N GLU A 192 -6.84 -12.59 10.48
CA GLU A 192 -7.99 -13.29 11.04
C GLU A 192 -8.82 -12.41 11.97
N SER A 193 -8.22 -11.36 12.53
CA SER A 193 -8.94 -10.47 13.43
C SER A 193 -9.71 -9.39 12.69
N LEU A 194 -9.33 -9.05 11.47
CA LEU A 194 -10.13 -8.14 10.68
C LEU A 194 -11.53 -8.73 10.49
N PRO A 195 -12.55 -7.90 10.33
CA PRO A 195 -13.91 -8.44 10.16
C PRO A 195 -13.97 -9.50 9.06
N SER A 196 -14.76 -10.55 9.29
CA SER A 196 -14.99 -11.57 8.28
C SER A 196 -15.60 -10.96 7.03
N SER A 197 -16.31 -9.85 7.20
CA SER A 197 -17.02 -9.22 6.12
C SER A 197 -16.31 -7.98 5.62
N LEU A 198 -15.04 -7.80 5.96
CA LEU A 198 -14.24 -6.78 5.31
C LEU A 198 -13.65 -7.38 4.02
N PRO A 199 -13.60 -6.62 2.89
CA PRO A 199 -12.78 -7.06 1.76
C PRO A 199 -11.32 -7.14 2.20
N LYS A 200 -10.75 -8.34 2.23
CA LYS A 200 -9.41 -8.50 2.76
C LYS A 200 -8.75 -9.69 2.09
N ALA A 201 -7.43 -9.73 2.18
CA ALA A 201 -6.66 -10.85 1.65
C ALA A 201 -5.38 -10.97 2.43
N TYR A 202 -4.84 -12.19 2.41
CA TYR A 202 -3.56 -12.54 3.00
C TYR A 202 -2.80 -13.33 1.95
N MET A 203 -1.59 -12.87 1.62
CA MET A 203 -0.72 -13.56 0.66
C MET A 203 0.60 -13.86 1.33
N GLU A 204 0.96 -15.14 1.43
CA GLU A 204 2.22 -15.54 2.02
C GLU A 204 3.19 -15.97 0.91
N LEU A 205 4.37 -15.37 0.90
CA LEU A 205 5.38 -15.64 -0.11
C LEU A 205 6.27 -16.80 0.31
N CYS A 206 6.32 -17.85 -0.52
CA CYS A 206 7.16 -19.00 -0.24
C CYS A 206 8.62 -18.58 -0.09
N GLY A 207 9.27 -19.09 0.94
CA GLY A 207 10.71 -18.94 1.09
C GLY A 207 11.17 -17.55 1.48
N ALA A 208 10.26 -16.58 1.61
CA ALA A 208 10.68 -15.21 1.77
C ALA A 208 11.07 -14.89 3.20
N THR A 209 12.02 -13.99 3.33
CA THR A 209 12.43 -13.49 4.63
C THR A 209 11.95 -12.05 4.83
N HIS A 210 12.28 -11.48 5.99
CA HIS A 210 11.61 -10.26 6.43
C HIS A 210 11.80 -9.09 5.47
N PHE A 211 12.95 -8.99 4.82
CA PHE A 211 13.27 -7.85 3.99
C PHE A 211 12.84 -8.05 2.55
N ALA A 212 12.12 -9.13 2.26
CA ALA A 212 11.62 -9.36 0.90
C ALA A 212 10.88 -8.15 0.34
N PRO A 213 10.06 -7.43 1.12
CA PRO A 213 9.33 -6.28 0.52
C PRO A 213 10.22 -5.11 0.15
N ASN A 214 11.50 -5.13 0.49
CA ASN A 214 12.35 -3.97 0.23
C ASN A 214 13.10 -4.04 -1.10
N ILE A 215 12.89 -5.08 -1.89
CA ILE A 215 13.51 -5.17 -3.22
C ILE A 215 12.41 -5.53 -4.21
N PRO A 216 12.60 -5.21 -5.49
CA PRO A 216 11.59 -5.54 -6.49
C PRO A 216 11.20 -6.99 -6.44
N ASN A 217 9.89 -7.22 -6.43
CA ASN A 217 9.32 -8.56 -6.29
C ASN A 217 8.05 -8.50 -7.13
N THR A 218 8.00 -9.25 -8.23
CA THR A 218 6.88 -9.16 -9.14
C THR A 218 5.59 -9.66 -8.53
N THR A 219 5.64 -10.66 -7.65
CA THR A 219 4.43 -11.15 -7.00
C THR A 219 3.86 -10.09 -6.07
N ILE A 220 4.72 -9.41 -5.31
CA ILE A 220 4.24 -8.29 -4.51
C ILE A 220 3.66 -7.22 -5.44
N ALA A 221 4.41 -6.81 -6.46
CA ALA A 221 4.00 -5.67 -7.25
C ALA A 221 2.65 -5.91 -7.91
N LYS A 222 2.48 -7.08 -8.56
CA LYS A 222 1.28 -7.27 -9.35
C LYS A 222 0.03 -7.21 -8.49
N TYR A 223 0.10 -7.74 -7.25
CA TYR A 223 -1.07 -7.78 -6.38
C TYR A 223 -1.24 -6.49 -5.57
N VAL A 224 -0.16 -5.78 -5.24
CA VAL A 224 -0.30 -4.43 -4.72
C VAL A 224 -0.99 -3.53 -5.74
N ILE A 225 -0.54 -3.59 -7.01
CA ILE A 225 -1.18 -2.80 -8.05
C ILE A 225 -2.65 -3.18 -8.17
N SER A 226 -2.95 -4.49 -8.19
CA SER A 226 -4.34 -4.92 -8.36
C SER A 226 -5.21 -4.45 -7.20
N TRP A 227 -4.68 -4.53 -5.96
CA TRP A 227 -5.46 -4.12 -4.79
C TRP A 227 -5.75 -2.62 -4.84
N LEU A 228 -4.71 -1.82 -5.14
CA LEU A 228 -4.91 -0.38 -5.24
C LEU A 228 -5.88 -0.04 -6.37
N LYS A 229 -5.74 -0.70 -7.52
CA LYS A 229 -6.72 -0.46 -8.60
C LYS A 229 -8.14 -0.78 -8.13
N ARG A 230 -8.33 -1.97 -7.56
CA ARG A 230 -9.67 -2.38 -7.20
C ARG A 230 -10.29 -1.40 -6.21
N PHE A 231 -9.51 -0.94 -5.22
CA PHE A 231 -10.11 -0.20 -4.10
C PHE A 231 -9.89 1.31 -4.17
N VAL A 232 -8.70 1.78 -4.55
CA VAL A 232 -8.53 3.21 -4.73
C VAL A 232 -9.27 3.71 -5.96
N ASP A 233 -9.31 2.92 -7.05
CA ASP A 233 -9.94 3.34 -8.30
C ASP A 233 -11.31 2.71 -8.50
N GLU A 234 -11.76 1.87 -7.57
CA GLU A 234 -13.03 1.15 -7.74
C GLU A 234 -13.03 0.34 -9.03
N ASP A 235 -11.85 -0.12 -9.47
CA ASP A 235 -11.66 -0.60 -10.85
C ASP A 235 -11.86 -2.11 -10.86
N THR A 236 -13.04 -2.52 -11.30
CA THR A 236 -13.34 -3.94 -11.30
C THR A 236 -12.70 -4.68 -12.46
N ARG A 237 -11.99 -4.00 -13.36
CA ARG A 237 -11.19 -4.72 -14.33
C ARG A 237 -10.06 -5.49 -13.65
N TYR A 238 -9.73 -5.12 -12.41
CA TYR A 238 -8.69 -5.80 -11.67
C TYR A 238 -9.22 -6.92 -10.76
N SER A 239 -10.54 -7.06 -10.64
CA SER A 239 -11.08 -8.13 -9.83
C SER A 239 -10.59 -9.49 -10.29
N GLN A 240 -10.41 -9.66 -11.60
CA GLN A 240 -10.02 -10.94 -12.17
C GLN A 240 -8.73 -11.47 -11.56
N PHE A 241 -7.83 -10.58 -11.11
CA PHE A 241 -6.56 -11.04 -10.55
C PHE A 241 -6.64 -11.38 -9.07
N LEU A 242 -7.62 -10.83 -8.38
CA LEU A 242 -7.78 -10.99 -6.94
C LEU A 242 -8.72 -12.12 -6.56
N CYS A 243 -9.74 -12.38 -7.38
CA CYS A 243 -10.76 -13.37 -7.05
C CYS A 243 -11.03 -14.18 -8.31
N PRO A 244 -10.96 -15.51 -8.26
CA PRO A 244 -10.61 -16.30 -7.08
C PRO A 244 -9.14 -16.10 -6.70
N ASN A 245 -8.77 -16.66 -5.55
CA ASN A 245 -7.46 -16.42 -4.99
C ASN A 245 -6.36 -16.70 -6.01
N PRO A 246 -5.34 -15.84 -6.07
CA PRO A 246 -4.16 -16.11 -6.88
C PRO A 246 -3.55 -17.48 -6.60
N THR A 247 -2.98 -18.07 -7.65
CA THR A 247 -2.35 -19.39 -7.56
C THR A 247 -0.87 -19.37 -7.94
N ASP A 248 -0.26 -18.19 -8.03
CA ASP A 248 1.14 -18.10 -8.45
C ASP A 248 2.01 -19.04 -7.65
N ARG A 249 2.99 -19.64 -8.31
CA ARG A 249 3.92 -20.55 -7.65
C ARG A 249 4.66 -19.89 -6.50
N ALA A 250 4.90 -18.57 -6.59
CA ALA A 250 5.62 -17.87 -5.52
C ALA A 250 4.80 -17.76 -4.23
N ILE A 251 3.52 -18.12 -4.26
CA ILE A 251 2.61 -17.95 -3.13
C ILE A 251 2.44 -19.28 -2.45
N CYS A 252 2.69 -19.32 -1.14
CA CYS A 252 2.54 -20.56 -0.40
C CYS A 252 1.21 -20.66 0.33
N GLU A 253 0.55 -19.54 0.58
CA GLU A 253 -0.80 -19.57 1.13
C GLU A 253 -1.48 -18.29 0.70
N TYR A 254 -2.78 -18.38 0.41
CA TYR A 254 -3.57 -17.19 0.12
C TYR A 254 -4.91 -17.36 0.79
N ARG A 255 -5.38 -16.32 1.49
CA ARG A 255 -6.72 -16.31 2.08
C ARG A 255 -7.42 -15.06 1.60
N SER A 256 -8.73 -15.12 1.42
CA SER A 256 -9.45 -13.92 1.06
C SER A 256 -10.90 -14.03 1.49
N THR A 257 -11.58 -12.89 1.41
CA THR A 257 -13.03 -12.85 1.55
C THR A 257 -13.72 -12.59 0.21
N CYS A 258 -13.09 -13.02 -0.88
CA CYS A 258 -13.73 -12.96 -2.18
C CYS A 258 -15.12 -13.58 -2.12
N PRO A 259 -16.09 -13.06 -2.86
CA PRO A 259 -15.97 -11.93 -3.79
C PRO A 259 -16.02 -10.58 -3.08
N TYR A 260 -15.38 -9.59 -3.66
CA TYR A 260 -15.41 -8.22 -3.16
C TYR A 260 -16.51 -7.52 -3.93
N LYS A 261 -17.71 -7.64 -3.40
CA LYS A 261 -18.88 -7.11 -4.08
C LYS A 261 -18.66 -5.64 -4.39
N LEU A 262 -18.96 -5.24 -5.62
CA LEU A 262 -18.80 -3.85 -5.97
C LEU A 262 -19.85 -3.07 -5.22
N ASN A 263 -19.39 -2.18 -4.38
CA ASN A 263 -20.27 -1.46 -3.52
C ASN A 263 -20.27 -0.01 -3.99
C1 DIO B . 12.70 -5.25 15.12
C2 DIO B . 10.61 -5.33 16.25
C1' DIO B . 12.12 -4.34 14.04
C2' DIO B . 10.11 -5.21 14.81
O1 DIO B . 12.01 -5.17 16.33
O1' DIO B . 10.74 -4.14 14.18
N1 BCN C . -7.72 -2.24 17.56
C1 BCN C . -8.34 -1.90 16.28
C2 BCN C . -9.63 -2.67 16.01
O21 BCN C . -10.26 -2.38 14.96
O22 BCN C . -9.98 -3.57 16.86
C3 BCN C . -6.27 -1.91 17.49
C4 BCN C . -6.02 -0.48 18.05
O4 BCN C . -6.32 0.47 17.06
C5 BCN C . -8.39 -1.42 18.61
C6 BCN C . -9.13 -2.31 19.61
O6 BCN C . -8.79 -1.85 20.89
CA CA D . 8.98 16.90 9.73
#